data_5FRE
#
_entry.id   5FRE
#
_cell.length_a   64.348
_cell.length_b   76.714
_cell.length_c   67.254
_cell.angle_alpha   90.00
_cell.angle_beta   93.46
_cell.angle_gamma   90.00
#
_symmetry.space_group_name_H-M   'P 1 21 1'
#
loop_
_entity.id
_entity.type
_entity.pdbx_description
1 polymer EXO-ALPHA-SIALIDASE
2 branched 'N-acetyl-alpha-neuraminic acid-(2-3)-beta-D-galactopyranose'
3 non-polymer 'CALCIUM ION'
4 non-polymer 2-(2-{2-[2-(2-METHOXY-ETHOXY)-ETHOXY]-ETHOXY}-ETHOXY)-ETHANOL
5 non-polymer 'ACETATE ION'
6 water water
#
_entity_poly.entity_id   1
_entity_poly.type   'polypeptide(L)'
_entity_poly.pdbx_seq_one_letter_code
;PNWELLSSLGEYKDINLESSNASNITYDLEKYKNLDEGTIVVRFNSKDSKIQSLLGISNSKTKNGYFNFYVTNSRVGFEL
RNQKNEGNTQNGTENLVHMYKDVALNDGDNTVALKIEKNKGYKLFLNGKMIKEVKDTNTKFLNNIENLDSAFIGKTNRYG
QSNEYNFKGNIGFMNIYNEPLGDDYLLSKTGETK
;
_entity_poly.pdbx_strand_id   A,B,C
#
loop_
_chem_comp.id
_chem_comp.type
_chem_comp.name
_chem_comp.formula
1PG non-polymer 2-(2-{2-[2-(2-METHOXY-ETHOXY)-ETHOXY]-ETHOXY}-ETHOXY)-ETHANOL 'C11 H24 O6'
ACT non-polymer 'ACETATE ION' 'C2 H3 O2 -1'
CA non-polymer 'CALCIUM ION' 'Ca 2'
GAL D-saccharide, beta linking beta-D-galactopyranose 'C6 H12 O6'
SIA D-saccharide, alpha linking 'N-acetyl-alpha-neuraminic acid' 'C11 H19 N O9'
#
# COMPACT_ATOMS: atom_id res chain seq x y z
N PRO A 1 15.78 38.66 22.73
CA PRO A 1 15.56 38.25 21.33
C PRO A 1 16.00 36.83 21.03
N ASN A 2 15.43 36.32 19.96
CA ASN A 2 15.60 34.93 19.57
C ASN A 2 17.02 34.65 19.10
N TRP A 3 17.54 33.47 19.45
CA TRP A 3 18.81 33.02 18.89
C TRP A 3 18.73 33.03 17.38
N GLU A 4 19.72 33.57 16.69
CA GLU A 4 19.72 33.44 15.25
C GLU A 4 19.91 31.97 14.89
N LEU A 5 20.68 31.29 15.72
CA LEU A 5 20.98 29.89 15.44
C LEU A 5 21.05 29.17 16.75
N LEU A 6 20.12 28.23 16.95
CA LEU A 6 20.07 27.39 18.12
C LEU A 6 20.15 25.93 17.69
N SER A 7 21.11 25.17 18.24
CA SER A 7 21.19 23.72 17.94
C SER A 7 19.93 22.99 18.44
N SER A 8 19.51 21.97 17.69
CA SER A 8 18.37 21.18 18.13
C SER A 8 18.76 20.38 19.36
N LEU A 9 17.81 20.18 20.25
CA LEU A 9 17.93 19.27 21.34
C LEU A 9 17.90 17.80 20.84
N GLY A 10 16.96 17.47 19.96
CA GLY A 10 16.83 16.17 19.34
C GLY A 10 16.83 16.35 17.84
N GLU A 11 17.54 15.47 17.13
CA GLU A 11 17.54 15.51 15.67
C GLU A 11 17.51 14.12 15.07
N TYR A 12 16.50 13.89 14.25
CA TYR A 12 16.20 12.58 13.71
C TYR A 12 15.95 12.77 12.23
N LYS A 13 16.37 11.82 11.39
CA LYS A 13 16.24 11.92 9.91
C LYS A 13 15.88 10.60 9.26
N ASP A 14 15.23 10.67 8.11
CA ASP A 14 14.97 9.54 7.20
C ASP A 14 14.32 8.37 7.92
N ILE A 15 13.14 8.62 8.46
CA ILE A 15 12.45 7.59 9.23
C ILE A 15 11.40 6.88 8.35
N ASN A 16 11.77 5.68 7.91
CA ASN A 16 10.94 4.91 7.01
C ASN A 16 9.83 4.24 7.83
N LEU A 17 8.59 4.59 7.53
CA LEU A 17 7.46 4.01 8.23
C LEU A 17 6.51 3.41 7.20
N GLU A 18 7.07 2.94 6.09
CA GLU A 18 6.26 2.33 5.03
C GLU A 18 5.60 1.05 5.51
N SER A 19 6.21 0.39 6.49
CA SER A 19 5.60 -0.76 7.18
C SER A 19 5.02 -0.43 8.53
N SER A 20 4.81 0.86 8.83
CA SER A 20 4.44 1.30 10.19
C SER A 20 5.25 0.68 11.33
N ASN A 21 6.55 0.46 11.09
CA ASN A 21 7.45 0.01 12.16
C ASN A 21 7.99 1.28 12.84
N ALA A 22 7.30 1.77 13.88
CA ALA A 22 7.65 3.05 14.49
C ALA A 22 9.06 3.03 15.07
N SER A 23 9.74 4.17 15.02
CA SER A 23 11.11 4.28 15.52
C SER A 23 11.19 4.67 17.01
N ASN A 24 11.79 3.80 17.81
CA ASN A 24 11.83 3.92 19.26
C ASN A 24 12.97 4.86 19.63
N ILE A 25 12.60 6.00 20.24
CA ILE A 25 13.58 7.00 20.67
C ILE A 25 13.52 7.22 22.16
N THR A 26 13.12 6.19 22.90
CA THR A 26 13.08 6.29 24.35
C THR A 26 14.47 6.56 25.00
N TYR A 27 15.54 6.19 24.32
CA TYR A 27 16.92 6.60 24.75
C TYR A 27 17.08 8.09 24.99
N ASP A 28 16.25 8.93 24.32
CA ASP A 28 16.35 10.38 24.46
C ASP A 28 15.31 10.96 25.43
N LEU A 29 14.49 10.11 26.07
CA LEU A 29 13.35 10.56 26.83
C LEU A 29 13.72 11.58 27.88
N GLU A 30 14.86 11.38 28.53
CA GLU A 30 15.32 12.26 29.62
C GLU A 30 15.40 13.72 29.22
N LYS A 31 15.68 13.97 27.95
CA LYS A 31 15.82 15.31 27.42
C LYS A 31 14.46 16.03 27.22
N TYR A 32 13.36 15.27 27.19
CA TYR A 32 12.06 15.85 26.87
C TYR A 32 11.08 15.81 28.00
N LYS A 33 11.22 14.85 28.90
CA LYS A 33 10.12 14.46 29.77
C LYS A 33 9.72 15.56 30.76
N ASN A 34 10.67 16.44 31.06
CA ASN A 34 10.37 17.59 31.95
C ASN A 34 10.24 18.95 31.26
N LEU A 35 10.10 18.96 29.94
CA LEU A 35 9.99 20.21 29.21
C LEU A 35 8.65 20.88 29.53
N ASP A 36 8.71 22.20 29.75
CA ASP A 36 7.53 23.04 29.92
C ASP A 36 7.28 23.85 28.65
N GLU A 37 8.23 23.89 27.75
CA GLU A 37 8.10 24.60 26.48
C GLU A 37 9.08 23.99 25.48
N GLY A 38 9.08 24.51 24.27
CA GLY A 38 9.92 23.95 23.20
C GLY A 38 9.32 24.11 21.83
N THR A 39 10.00 23.56 20.82
CA THR A 39 9.52 23.54 19.46
C THR A 39 9.79 22.16 18.84
N ILE A 40 8.85 21.70 18.03
CA ILE A 40 8.99 20.44 17.30
C ILE A 40 8.68 20.72 15.85
N VAL A 41 9.64 20.44 14.95
CA VAL A 41 9.45 20.67 13.52
C VAL A 41 9.59 19.34 12.81
N VAL A 42 8.65 18.99 11.93
CA VAL A 42 8.61 17.70 11.28
C VAL A 42 8.28 17.85 9.79
N ARG A 43 9.09 17.18 8.95
CA ARG A 43 8.77 17.00 7.52
C ARG A 43 8.29 15.56 7.35
N PHE A 44 7.11 15.39 6.79
CA PHE A 44 6.41 14.11 6.81
C PHE A 44 5.62 13.92 5.50
N ASN A 45 5.33 12.67 5.20
CA ASN A 45 4.51 12.27 4.05
C ASN A 45 3.77 10.99 4.39
N SER A 46 2.52 11.16 4.76
CA SER A 46 1.65 10.07 5.11
C SER A 46 0.94 9.55 3.87
N LYS A 47 0.59 8.26 3.93
CA LYS A 47 -0.20 7.57 2.92
C LYS A 47 -1.58 7.14 3.45
N ASP A 48 -1.99 7.53 4.66
CA ASP A 48 -3.31 7.15 5.20
C ASP A 48 -4.05 8.39 5.69
N SER A 49 -5.35 8.24 5.92
CA SER A 49 -6.21 9.31 6.38
C SER A 49 -6.47 9.27 7.90
N LYS A 50 -6.07 8.19 8.59
CA LYS A 50 -6.38 8.01 10.00
C LYS A 50 -5.51 8.94 10.88
N ILE A 51 -5.85 9.05 12.17
CA ILE A 51 -5.03 9.87 13.08
C ILE A 51 -3.72 9.12 13.25
N GLN A 52 -2.60 9.79 13.00
CA GLN A 52 -1.29 9.20 13.03
C GLN A 52 -0.29 10.09 13.82
N SER A 53 0.46 9.47 14.73
CA SER A 53 1.43 10.21 15.56
C SER A 53 2.68 10.47 14.75
N LEU A 54 3.05 11.74 14.60
CA LEU A 54 4.41 12.13 14.25
C LEU A 54 5.35 11.77 15.44
N LEU A 55 4.99 12.28 16.61
CA LEU A 55 5.75 12.09 17.82
C LEU A 55 4.80 11.75 18.96
N GLY A 56 5.05 10.64 19.66
CA GLY A 56 4.27 10.16 20.77
C GLY A 56 5.16 9.94 21.95
N ILE A 57 4.92 10.69 23.03
CA ILE A 57 5.72 10.56 24.27
C ILE A 57 4.73 10.21 25.37
N SER A 58 4.92 9.07 26.04
CA SER A 58 3.88 8.46 26.84
C SER A 58 4.35 7.76 28.10
N ASN A 59 3.38 7.58 28.98
CA ASN A 59 3.43 6.63 30.07
C ASN A 59 2.74 5.38 29.51
N SER A 60 3.56 4.46 29.01
CA SER A 60 3.03 3.25 28.40
C SER A 60 2.27 2.32 29.37
N LYS A 61 2.35 2.56 30.69
CA LYS A 61 1.62 1.80 31.71
C LYS A 61 0.16 2.29 31.84
N THR A 62 -0.20 3.36 31.13
CA THR A 62 -1.55 3.89 31.13
C THR A 62 -2.12 3.90 29.73
N LYS A 63 -3.44 4.00 29.65
CA LYS A 63 -4.10 4.16 28.38
C LYS A 63 -4.01 5.60 27.93
N ASN A 64 -4.04 6.56 28.86
CA ASN A 64 -4.25 7.96 28.47
C ASN A 64 -3.21 8.97 29.02
N GLY A 65 -2.02 8.51 29.41
CA GLY A 65 -0.97 9.44 29.85
C GLY A 65 -0.04 9.58 28.67
N TYR A 66 -0.27 10.60 27.84
CA TYR A 66 0.55 10.83 26.65
C TYR A 66 0.41 12.21 25.99
N PHE A 67 1.45 12.51 25.23
CA PHE A 67 1.52 13.61 24.27
C PHE A 67 1.57 13.00 22.88
N ASN A 68 0.71 13.48 21.99
CA ASN A 68 0.58 12.94 20.64
C ASN A 68 0.47 14.10 19.70
N PHE A 69 1.56 14.37 19.00
CA PHE A 69 1.62 15.34 17.91
C PHE A 69 1.27 14.58 16.65
N TYR A 70 0.10 14.87 16.09
CA TYR A 70 -0.50 14.02 15.06
C TYR A 70 -0.97 14.74 13.81
N VAL A 71 -1.17 13.95 12.76
CA VAL A 71 -1.80 14.41 11.55
C VAL A 71 -2.84 13.36 11.08
N THR A 72 -3.76 13.82 10.21
CA THR A 72 -4.59 12.98 9.36
C THR A 72 -4.27 13.39 7.94
N ASN A 73 -5.13 13.06 6.97
CA ASN A 73 -4.99 13.70 5.62
C ASN A 73 -5.56 15.11 5.49
N SER A 74 -6.25 15.61 6.52
CA SER A 74 -6.88 16.92 6.42
C SER A 74 -6.84 17.70 7.75
N ARG A 75 -5.92 17.34 8.64
CA ARG A 75 -5.85 17.96 9.96
C ARG A 75 -4.44 17.79 10.56
N VAL A 76 -4.03 18.76 11.36
CA VAL A 76 -2.83 18.58 12.21
C VAL A 76 -3.18 19.10 13.58
N GLY A 77 -2.56 18.52 14.58
CA GLY A 77 -2.78 18.98 15.96
C GLY A 77 -1.97 18.21 16.97
N PHE A 78 -2.25 18.45 18.25
CA PHE A 78 -1.69 17.64 19.30
C PHE A 78 -2.67 17.50 20.45
N GLU A 79 -2.49 16.42 21.18
CA GLU A 79 -3.16 16.21 22.43
C GLU A 79 -2.13 15.99 23.52
N LEU A 80 -2.46 16.46 24.70
CA LEU A 80 -1.69 16.33 25.89
C LEU A 80 -2.66 15.81 26.95
N ARG A 81 -2.40 14.60 27.48
CA ARG A 81 -3.28 13.98 28.47
C ARG A 81 -2.43 13.32 29.55
N ASN A 82 -2.97 13.24 30.73
CA ASN A 82 -2.33 12.59 31.85
C ASN A 82 -3.29 11.55 32.38
N GLN A 83 -2.75 10.50 32.95
CA GLN A 83 -3.56 9.53 33.64
C GLN A 83 -2.89 9.05 34.94
N LYS A 84 -3.65 9.11 36.03
CA LYS A 84 -3.15 8.79 37.37
C LYS A 84 -3.20 7.31 37.80
N ASN A 85 -3.96 6.49 37.07
CA ASN A 85 -4.17 5.08 37.37
C ASN A 85 -3.72 4.27 36.19
N GLU A 86 -2.92 3.23 36.46
CA GLU A 86 -2.33 2.41 35.45
C GLU A 86 -3.22 1.23 35.11
N GLY A 87 -3.00 0.67 33.93
CA GLY A 87 -3.61 -0.57 33.54
C GLY A 87 -4.91 -0.36 32.85
N ASN A 88 -5.74 -1.38 32.95
CA ASN A 88 -6.96 -1.44 32.16
C ASN A 88 -8.11 -0.68 32.78
N THR A 89 -8.06 0.65 32.73
CA THR A 89 -9.09 1.52 33.28
C THR A 89 -9.03 2.89 32.60
N GLN A 90 -10.17 3.61 32.63
CA GLN A 90 -10.25 5.01 32.22
C GLN A 90 -10.04 5.92 33.43
N ASN A 91 -9.93 5.34 34.63
CA ASN A 91 -9.88 6.14 35.85
C ASN A 91 -8.67 7.03 35.94
N GLY A 92 -8.86 8.17 36.57
CA GLY A 92 -7.79 9.14 36.77
C GLY A 92 -7.30 9.87 35.53
N THR A 93 -8.08 9.89 34.47
CA THR A 93 -7.68 10.56 33.23
C THR A 93 -7.90 12.04 33.34
N GLU A 94 -6.88 12.84 33.01
CA GLU A 94 -7.01 14.29 32.87
C GLU A 94 -6.69 14.65 31.43
N ASN A 95 -7.71 15.15 30.74
CA ASN A 95 -7.54 15.61 29.36
C ASN A 95 -7.11 17.06 29.39
N LEU A 96 -5.82 17.33 29.15
CA LEU A 96 -5.25 18.65 29.45
C LEU A 96 -5.37 19.61 28.28
N VAL A 97 -4.89 19.22 27.08
CA VAL A 97 -4.94 20.16 25.91
C VAL A 97 -5.25 19.37 24.68
N HIS A 98 -6.21 19.82 23.88
CA HIS A 98 -6.33 19.32 22.54
C HIS A 98 -6.40 20.52 21.59
N MET A 99 -5.39 20.66 20.74
CA MET A 99 -5.33 21.78 19.83
C MET A 99 -5.15 21.24 18.43
N TYR A 100 -5.98 21.68 17.49
CA TYR A 100 -5.95 21.11 16.13
C TYR A 100 -6.43 22.13 15.12
N LYS A 101 -6.11 21.88 13.86
CA LYS A 101 -6.51 22.74 12.78
C LYS A 101 -6.79 21.89 11.55
N ASP A 102 -8.00 22.04 11.00
CA ASP A 102 -8.34 21.43 9.72
C ASP A 102 -7.69 22.23 8.62
N VAL A 103 -7.04 21.55 7.69
CA VAL A 103 -6.14 22.20 6.76
C VAL A 103 -5.92 21.31 5.55
N ALA A 104 -5.60 21.95 4.43
CA ALA A 104 -5.30 21.23 3.19
C ALA A 104 -3.85 20.72 3.25
N LEU A 105 -3.62 19.44 3.05
CA LEU A 105 -2.26 18.92 3.05
C LEU A 105 -1.76 18.62 1.62
N ASN A 106 -0.45 18.71 1.40
CA ASN A 106 0.15 18.27 0.11
C ASN A 106 0.05 16.78 -0.04
N ASP A 107 -0.11 16.29 -1.28
CA ASP A 107 0.01 14.84 -1.53
C ASP A 107 1.39 14.24 -1.12
N GLY A 108 2.46 14.99 -1.34
CA GLY A 108 3.83 14.56 -1.02
C GLY A 108 4.24 15.15 0.33
N ASP A 109 5.45 15.68 0.42
CA ASP A 109 6.00 16.21 1.69
C ASP A 109 5.23 17.40 2.25
N ASN A 110 5.01 17.39 3.56
CA ASN A 110 4.49 18.53 4.30
C ASN A 110 5.43 18.82 5.47
N THR A 111 5.43 20.06 5.93
CA THR A 111 6.26 20.49 7.01
C THR A 111 5.43 21.25 8.07
N VAL A 112 5.42 20.75 9.30
CA VAL A 112 4.60 21.27 10.39
C VAL A 112 5.52 21.60 11.55
N ALA A 113 5.14 22.62 12.30
CA ALA A 113 5.80 22.90 13.57
C ALA A 113 4.79 23.15 14.70
N LEU A 114 5.14 22.67 15.90
CA LEU A 114 4.45 23.04 17.11
C LEU A 114 5.40 23.88 17.95
N LYS A 115 4.98 25.10 18.28
CA LYS A 115 5.75 25.99 19.14
C LYS A 115 4.96 26.18 20.44
N ILE A 116 5.63 25.90 21.55
CA ILE A 116 5.09 26.13 22.90
C ILE A 116 6.00 27.12 23.62
N GLU A 117 5.39 28.21 24.04
CA GLU A 117 6.04 29.27 24.78
C GLU A 117 5.41 29.31 26.17
N LYS A 118 6.25 29.05 27.19
CA LYS A 118 5.75 28.85 28.53
C LYS A 118 4.97 30.04 29.01
N ASN A 119 3.75 29.77 29.45
CA ASN A 119 2.82 30.79 29.96
C ASN A 119 2.48 31.90 28.97
N LYS A 120 2.63 31.65 27.67
CA LYS A 120 2.16 32.56 26.60
C LYS A 120 1.12 31.83 25.76
N GLY A 121 1.44 30.61 25.33
CA GLY A 121 0.52 29.82 24.51
C GLY A 121 1.20 28.88 23.54
N TYR A 122 0.39 28.38 22.62
CA TYR A 122 0.81 27.38 21.63
C TYR A 122 0.51 27.87 20.20
N LYS A 123 1.39 27.56 19.25
CA LYS A 123 1.18 27.87 17.83
C LYS A 123 1.48 26.66 16.96
N LEU A 124 0.65 26.45 15.95
CA LEU A 124 0.91 25.48 14.92
C LEU A 124 1.24 26.19 13.60
N PHE A 125 2.23 25.66 12.87
CA PHE A 125 2.68 26.16 11.60
C PHE A 125 2.60 25.02 10.63
N LEU A 126 2.19 25.32 9.38
CA LEU A 126 2.19 24.30 8.33
C LEU A 126 2.49 24.99 6.98
N ASN A 127 3.46 24.42 6.28
CA ASN A 127 3.79 24.79 4.88
C ASN A 127 3.87 26.32 4.67
N GLY A 128 4.51 27.00 5.64
CA GLY A 128 4.78 28.39 5.58
C GLY A 128 3.71 29.30 6.09
N LYS A 129 2.73 28.76 6.82
CA LYS A 129 1.73 29.57 7.46
C LYS A 129 1.61 29.26 8.98
N MET A 130 1.32 30.28 9.77
CA MET A 130 0.91 30.12 11.17
C MET A 130 -0.60 29.84 11.13
N ILE A 131 -1.00 28.60 11.34
CA ILE A 131 -2.38 28.19 11.07
C ILE A 131 -3.32 28.21 12.28
N LYS A 132 -2.79 28.19 13.50
CA LYS A 132 -3.65 28.19 14.69
C LYS A 132 -2.85 28.64 15.90
N GLU A 133 -3.39 29.61 16.65
CA GLU A 133 -2.76 30.07 17.88
C GLU A 133 -3.77 29.92 18.99
N VAL A 134 -3.36 29.33 20.10
CA VAL A 134 -4.14 29.26 21.32
C VAL A 134 -3.31 29.97 22.42
N LYS A 135 -3.81 31.11 22.88
CA LYS A 135 -3.15 31.85 23.96
C LYS A 135 -3.46 31.17 25.29
N ASP A 136 -2.47 31.16 26.17
CA ASP A 136 -2.62 30.48 27.47
C ASP A 136 -1.58 31.05 28.44
N THR A 137 -2.06 31.74 29.46
CA THR A 137 -1.21 32.29 30.51
C THR A 137 -0.75 31.20 31.52
N ASN A 138 -1.38 30.02 31.54
CA ASN A 138 -0.84 28.88 32.32
C ASN A 138 -0.73 27.59 31.49
N THR A 139 0.37 27.45 30.75
CA THR A 139 0.53 26.37 29.77
C THR A 139 0.87 25.06 30.44
N LYS A 140 0.63 23.96 29.73
CA LYS A 140 1.05 22.60 30.13
C LYS A 140 1.75 21.90 28.95
N PHE A 141 2.72 21.05 29.25
CA PHE A 141 3.41 20.32 28.23
C PHE A 141 3.88 19.00 28.86
N LEU A 142 5.04 18.48 28.45
CA LEU A 142 5.43 17.10 28.79
C LEU A 142 5.67 16.95 30.28
N ASN A 143 6.20 18.01 30.87
CA ASN A 143 6.39 18.07 32.33
C ASN A 143 5.14 17.72 33.10
N ASN A 144 3.98 18.00 32.55
CA ASN A 144 2.72 17.75 33.26
C ASN A 144 2.19 16.31 33.19
N ILE A 145 2.75 15.44 32.37
CA ILE A 145 2.29 14.07 32.34
C ILE A 145 3.15 13.28 33.36
N GLU A 146 2.49 12.43 34.13
CA GLU A 146 3.15 11.63 35.16
C GLU A 146 3.72 10.35 34.59
N ASN A 147 4.90 9.99 35.08
CA ASN A 147 5.55 8.72 34.78
C ASN A 147 5.77 8.38 33.30
N LEU A 148 6.21 9.36 32.52
CA LEU A 148 6.59 9.09 31.13
C LEU A 148 7.66 8.01 31.05
N ASP A 149 7.50 7.06 30.13
CA ASP A 149 8.50 6.02 29.97
C ASP A 149 8.82 5.61 28.54
N SER A 150 8.19 6.25 27.54
CA SER A 150 8.41 5.96 26.13
C SER A 150 8.31 7.18 25.22
N ALA A 151 9.16 7.20 24.20
CA ALA A 151 9.08 8.17 23.12
C ALA A 151 9.26 7.43 21.82
N PHE A 152 8.35 7.67 20.87
CA PHE A 152 8.45 7.10 19.54
C PHE A 152 8.22 8.15 18.46
N ILE A 153 8.89 7.98 17.33
CA ILE A 153 8.55 8.64 16.11
C ILE A 153 7.65 7.67 15.37
N GLY A 154 6.42 8.09 15.14
CA GLY A 154 5.52 7.28 14.32
C GLY A 154 4.43 6.52 15.04
N LYS A 155 4.32 6.65 16.35
CA LYS A 155 3.19 6.08 17.10
C LYS A 155 3.22 6.62 18.51
N THR A 156 2.18 6.33 19.28
CA THR A 156 2.18 6.58 20.69
C THR A 156 2.02 5.24 21.43
N ASN A 157 3.00 4.93 22.28
CA ASN A 157 2.99 3.69 23.05
C ASN A 157 2.08 3.76 24.26
N ARG A 158 0.96 3.05 24.21
CA ARG A 158 -0.07 3.13 25.23
C ARG A 158 -0.34 1.76 25.85
N TYR A 159 -1.04 1.73 26.97
CA TYR A 159 -1.33 0.47 27.64
C TYR A 159 -2.29 -0.38 26.82
N GLY A 160 -2.00 -1.69 26.81
CA GLY A 160 -2.87 -2.69 26.20
C GLY A 160 -3.30 -2.46 24.78
N GLN A 161 -4.61 -2.50 24.54
CA GLN A 161 -5.13 -2.48 23.17
C GLN A 161 -5.53 -1.07 22.69
N SER A 162 -5.09 -0.04 23.40
CA SER A 162 -5.31 1.35 22.96
C SER A 162 -4.81 1.62 21.55
N ASN A 163 -5.44 2.59 20.89
CA ASN A 163 -5.04 3.01 19.57
C ASN A 163 -3.68 3.73 19.61
N GLU A 164 -2.67 3.16 18.95
CA GLU A 164 -1.30 3.75 18.98
C GLU A 164 -1.05 4.74 17.86
N TYR A 165 -2.05 5.01 17.04
CA TYR A 165 -1.98 6.01 16.00
C TYR A 165 -0.78 5.79 15.10
N ASN A 166 -0.62 4.55 14.65
CA ASN A 166 0.54 4.18 13.81
C ASN A 166 0.62 4.96 12.49
N PHE A 167 1.70 5.71 12.30
CA PHE A 167 1.93 6.45 11.11
C PHE A 167 2.31 5.47 10.01
N LYS A 168 1.80 5.75 8.83
CA LYS A 168 2.18 5.04 7.61
C LYS A 168 2.66 6.02 6.57
N GLY A 169 3.93 5.90 6.22
CA GLY A 169 4.55 6.72 5.21
C GLY A 169 6.00 6.90 5.57
N ASN A 170 6.53 8.13 5.37
CA ASN A 170 7.86 8.44 5.83
C ASN A 170 7.96 9.82 6.53
N ILE A 171 8.89 9.93 7.47
CA ILE A 171 9.15 11.22 8.08
C ILE A 171 10.54 11.58 7.69
N GLY A 172 10.70 12.63 6.88
CA GLY A 172 12.00 13.02 6.37
C GLY A 172 12.91 13.56 7.44
N PHE A 173 12.37 14.41 8.33
CA PHE A 173 13.14 14.84 9.50
C PHE A 173 12.24 15.29 10.65
N MET A 174 12.81 15.23 11.84
CA MET A 174 12.21 15.78 13.04
C MET A 174 13.31 16.47 13.82
N ASN A 175 13.13 17.78 14.06
CA ASN A 175 13.97 18.53 15.04
C ASN A 175 13.14 19.02 16.23
N ILE A 176 13.64 18.72 17.43
CA ILE A 176 13.06 19.17 18.66
C ILE A 176 14.03 20.17 19.33
N TYR A 177 13.48 21.28 19.82
CA TYR A 177 14.27 22.33 20.49
C TYR A 177 13.72 22.58 21.87
N ASN A 178 14.60 22.98 22.79
CA ASN A 178 14.23 23.26 24.17
C ASN A 178 13.53 24.59 24.31
N GLU A 179 13.63 25.41 23.29
CA GLU A 179 13.02 26.71 23.32
C GLU A 179 12.04 26.93 22.20
N PRO A 180 11.07 27.85 22.43
CA PRO A 180 10.18 28.29 21.35
C PRO A 180 10.91 29.13 20.34
N LEU A 181 10.99 28.67 19.12
CA LEU A 181 11.69 29.39 18.07
C LEU A 181 10.84 30.53 17.56
N GLY A 182 11.48 31.46 16.85
CA GLY A 182 10.82 32.63 16.26
C GLY A 182 9.83 32.23 15.21
N ASP A 183 8.70 32.93 15.17
CA ASP A 183 7.71 32.76 14.10
C ASP A 183 8.32 32.89 12.72
N ASP A 184 9.20 33.88 12.57
CA ASP A 184 9.92 34.10 11.34
C ASP A 184 10.64 32.85 10.87
N TYR A 185 11.42 32.24 11.75
CA TYR A 185 12.15 31.02 11.39
C TYR A 185 11.20 29.90 10.98
N LEU A 186 10.14 29.71 11.77
CA LEU A 186 9.19 28.62 11.52
C LEU A 186 8.37 28.83 10.27
N LEU A 187 7.99 30.08 9.99
CA LEU A 187 7.35 30.39 8.70
C LEU A 187 8.29 30.03 7.53
N SER A 188 9.56 30.43 7.58
CA SER A 188 10.50 30.09 6.49
C SER A 188 10.75 28.61 6.39
N LYS A 189 11.03 27.95 7.52
CA LYS A 189 11.38 26.55 7.48
C LYS A 189 10.22 25.66 7.02
N THR A 190 9.04 25.87 7.60
CA THR A 190 7.88 25.07 7.17
C THR A 190 7.48 25.47 5.77
N GLY A 191 7.77 26.71 5.42
CA GLY A 191 7.60 27.23 4.06
C GLY A 191 8.35 26.52 2.93
N GLU A 192 9.34 25.71 3.25
CA GLU A 192 10.04 24.92 2.24
C GLU A 192 9.13 23.92 1.49
N THR A 193 7.99 23.52 2.05
CA THR A 193 6.99 22.68 1.34
C THR A 193 5.65 23.46 1.14
N LYS A 194 5.75 24.76 0.83
CA LYS A 194 4.58 25.65 0.64
C LYS A 194 3.65 25.14 -0.47
N ASN B 2 -7.52 -16.43 -19.91
CA ASN B 2 -7.32 -16.13 -18.46
C ASN B 2 -5.83 -16.20 -18.18
N TRP B 3 -5.26 -15.23 -17.44
CA TRP B 3 -3.88 -15.41 -16.97
C TRP B 3 -3.77 -16.68 -16.16
N GLU B 4 -2.82 -17.56 -16.51
CA GLU B 4 -2.54 -18.73 -15.63
C GLU B 4 -2.01 -18.32 -14.26
N LEU B 5 -1.15 -17.29 -14.25
CA LEU B 5 -0.67 -16.66 -13.03
C LEU B 5 -0.84 -15.13 -13.16
N LEU B 6 -1.61 -14.53 -12.24
CA LEU B 6 -1.73 -13.09 -12.12
C LEU B 6 -1.40 -12.69 -10.70
N SER B 7 -0.38 -11.85 -10.55
CA SER B 7 -0.04 -11.35 -9.24
C SER B 7 -1.25 -10.63 -8.64
N SER B 8 -1.43 -10.82 -7.35
CA SER B 8 -2.37 -10.04 -6.54
C SER B 8 -2.07 -8.54 -6.58
N LEU B 9 -3.12 -7.76 -6.78
CA LEU B 9 -3.09 -6.32 -6.61
C LEU B 9 -2.86 -5.98 -5.14
N GLY B 10 -3.58 -6.67 -4.25
CA GLY B 10 -3.44 -6.50 -2.81
C GLY B 10 -3.32 -7.86 -2.15
N GLU B 11 -2.47 -7.96 -1.15
CA GLU B 11 -2.11 -9.20 -0.54
C GLU B 11 -2.00 -8.96 0.95
N TYR B 12 -2.84 -9.62 1.74
CA TYR B 12 -2.87 -9.44 3.21
C TYR B 12 -2.94 -10.80 3.85
N LYS B 13 -2.34 -10.93 5.04
CA LYS B 13 -2.11 -12.23 5.71
C LYS B 13 -2.30 -12.07 7.21
N ASP B 14 -2.78 -13.14 7.88
CA ASP B 14 -2.75 -13.27 9.33
C ASP B 14 -3.42 -12.11 10.01
N ILE B 15 -4.68 -11.87 9.68
CA ILE B 15 -5.37 -10.73 10.26
C ILE B 15 -6.16 -11.27 11.45
N ASN B 16 -5.69 -10.93 12.66
CA ASN B 16 -6.31 -11.44 13.87
C ASN B 16 -7.42 -10.51 14.27
N LEU B 17 -8.65 -11.00 14.28
CA LEU B 17 -9.79 -10.13 14.58
C LEU B 17 -10.54 -10.71 15.78
N GLU B 18 -9.81 -11.38 16.67
CA GLU B 18 -10.38 -11.98 17.87
C GLU B 18 -11.16 -10.98 18.72
N SER B 19 -10.69 -9.73 18.71
CA SER B 19 -11.32 -8.63 19.42
C SER B 19 -12.22 -7.74 18.53
N SER B 20 -12.61 -8.23 17.34
CA SER B 20 -13.52 -7.51 16.44
C SER B 20 -13.08 -6.06 16.15
N ASN B 21 -11.76 -5.88 16.04
CA ASN B 21 -11.07 -4.60 15.89
C ASN B 21 -10.41 -4.62 14.50
N ALA B 22 -11.17 -4.20 13.52
CA ALA B 22 -10.82 -4.43 12.11
C ALA B 22 -9.46 -3.85 11.72
N SER B 23 -8.93 -4.23 10.58
CA SER B 23 -7.68 -3.76 10.10
C SER B 23 -7.90 -2.71 8.96
N ASN B 24 -7.42 -1.50 9.19
CA ASN B 24 -7.56 -0.40 8.26
C ASN B 24 -6.54 -0.52 7.14
N ILE B 25 -7.05 -0.64 5.88
CA ILE B 25 -6.19 -0.78 4.71
C ILE B 25 -6.48 0.39 3.75
N THR B 26 -6.92 1.52 4.30
CA THR B 26 -7.28 2.68 3.51
C THR B 26 -6.08 3.21 2.71
N TYR B 27 -4.86 2.97 3.20
CA TYR B 27 -3.62 3.29 2.45
C TYR B 27 -3.56 2.66 1.05
N ASP B 28 -4.27 1.57 0.84
CA ASP B 28 -4.34 0.89 -0.48
C ASP B 28 -5.60 1.26 -1.32
N LEU B 29 -6.42 2.18 -0.85
CA LEU B 29 -7.73 2.44 -1.49
C LEU B 29 -7.60 2.88 -2.94
N GLU B 30 -6.55 3.64 -3.27
CA GLU B 30 -6.40 4.11 -4.66
C GLU B 30 -6.34 2.97 -5.66
N LYS B 31 -5.86 1.81 -5.22
CA LYS B 31 -5.77 0.63 -6.05
C LYS B 31 -7.14 0.03 -6.37
N TYR B 32 -8.10 0.19 -5.49
CA TYR B 32 -9.37 -0.47 -5.63
C TYR B 32 -10.51 0.40 -6.07
N LYS B 33 -10.41 1.69 -5.76
CA LYS B 33 -11.60 2.49 -5.83
C LYS B 33 -12.25 2.61 -7.19
N ASN B 34 -11.48 2.51 -8.28
CA ASN B 34 -12.05 2.60 -9.61
C ASN B 34 -12.17 1.27 -10.34
N LEU B 35 -12.01 0.14 -9.63
CA LEU B 35 -12.24 -1.18 -10.28
C LEU B 35 -13.66 -1.37 -10.77
N ASP B 36 -13.79 -1.94 -11.98
CA ASP B 36 -15.07 -2.34 -12.58
C ASP B 36 -15.20 -3.84 -12.58
N GLU B 37 -14.15 -4.54 -12.20
CA GLU B 37 -14.14 -5.99 -12.11
C GLU B 37 -12.96 -6.40 -11.24
N GLY B 38 -12.82 -7.68 -11.00
CA GLY B 38 -11.76 -8.18 -10.21
C GLY B 38 -12.13 -9.45 -9.51
N THR B 39 -11.23 -9.90 -8.63
CA THR B 39 -11.45 -11.10 -7.83
C THR B 39 -10.97 -10.87 -6.42
N ILE B 40 -11.76 -11.30 -5.41
CA ILE B 40 -11.36 -11.25 -4.03
C ILE B 40 -11.45 -12.68 -3.47
N VAL B 41 -10.36 -13.15 -2.87
CA VAL B 41 -10.25 -14.51 -2.29
C VAL B 41 -9.87 -14.36 -0.83
N VAL B 42 -10.62 -15.02 0.06
CA VAL B 42 -10.41 -14.84 1.46
C VAL B 42 -10.47 -16.21 2.15
N ARG B 43 -9.49 -16.51 3.01
CA ARG B 43 -9.58 -17.64 3.96
C ARG B 43 -9.95 -17.04 5.32
N PHE B 44 -11.02 -17.50 5.91
CA PHE B 44 -11.58 -16.90 7.08
C PHE B 44 -12.09 -17.99 8.06
N ASN B 45 -12.23 -17.59 9.29
CA ASN B 45 -12.78 -18.47 10.32
C ASN B 45 -13.45 -17.57 11.35
N SER B 46 -14.76 -17.57 11.36
CA SER B 46 -15.53 -16.63 12.15
C SER B 46 -16.01 -17.36 13.37
N LYS B 47 -16.15 -16.63 14.46
CA LYS B 47 -16.70 -17.15 15.73
C LYS B 47 -18.07 -16.59 16.02
N ASP B 48 -18.75 -16.02 15.02
CA ASP B 48 -20.04 -15.36 15.28
C ASP B 48 -21.02 -15.68 14.16
N SER B 49 -22.29 -15.46 14.44
CA SER B 49 -23.38 -15.77 13.51
C SER B 49 -23.93 -14.58 12.73
N LYS B 50 -23.63 -13.35 13.13
CA LYS B 50 -24.18 -12.15 12.50
C LYS B 50 -23.50 -11.89 11.13
N ILE B 51 -24.11 -11.01 10.36
CA ILE B 51 -23.50 -10.49 9.15
C ILE B 51 -22.18 -9.82 9.51
N GLN B 52 -21.10 -10.26 8.88
CA GLN B 52 -19.70 -9.82 9.23
C GLN B 52 -18.96 -9.54 7.94
N SER B 53 -18.41 -8.32 7.81
CA SER B 53 -17.62 -7.97 6.62
C SER B 53 -16.25 -8.66 6.63
N LEU B 54 -15.97 -9.42 5.59
CA LEU B 54 -14.59 -9.74 5.22
C LEU B 54 -13.84 -8.52 4.76
N LEU B 55 -14.44 -7.79 3.80
CA LEU B 55 -13.85 -6.62 3.17
C LEU B 55 -14.92 -5.56 3.05
N GLY B 56 -14.70 -4.41 3.67
CA GLY B 56 -15.64 -3.29 3.48
C GLY B 56 -14.92 -2.13 2.82
N ILE B 57 -15.46 -1.63 1.70
CA ILE B 57 -14.85 -0.49 0.97
C ILE B 57 -15.97 0.53 0.85
N SER B 58 -15.81 1.71 1.44
CA SER B 58 -16.91 2.63 1.68
C SER B 58 -16.60 4.13 1.56
N ASN B 59 -17.66 4.89 1.42
CA ASN B 59 -17.62 6.30 1.71
C ASN B 59 -18.09 6.46 3.14
N SER B 60 -17.17 6.71 4.06
CA SER B 60 -17.49 6.71 5.50
C SER B 60 -18.37 7.92 5.92
N LYS B 61 -18.53 8.90 5.03
CA LYS B 61 -19.35 10.08 5.27
C LYS B 61 -20.83 9.80 4.98
N THR B 62 -21.14 8.63 4.40
CA THR B 62 -22.50 8.22 4.12
C THR B 62 -22.91 6.99 4.94
N LYS B 63 -24.21 6.81 5.12
CA LYS B 63 -24.74 5.58 5.71
C LYS B 63 -24.64 4.37 4.75
N ASN B 64 -24.92 4.58 3.48
CA ASN B 64 -25.17 3.50 2.54
C ASN B 64 -24.30 3.52 1.27
N GLY B 65 -23.16 4.19 1.30
CA GLY B 65 -22.25 4.15 0.18
C GLY B 65 -21.15 3.16 0.51
N TYR B 66 -21.34 1.88 0.16
CA TYR B 66 -20.30 0.92 0.46
C TYR B 66 -20.44 -0.38 -0.37
N PHE B 67 -19.34 -1.10 -0.39
CA PHE B 67 -19.23 -2.50 -0.84
C PHE B 67 -18.91 -3.34 0.38
N ASN B 68 -19.66 -4.40 0.62
CA ASN B 68 -19.50 -5.26 1.80
C ASN B 68 -19.52 -6.71 1.34
N PHE B 69 -18.38 -7.39 1.39
CA PHE B 69 -18.25 -8.80 1.04
C PHE B 69 -18.32 -9.46 2.38
N TYR B 70 -19.42 -10.16 2.65
CA TYR B 70 -19.73 -10.60 3.99
C TYR B 70 -20.06 -12.07 4.14
N VAL B 71 -20.05 -12.51 5.39
CA VAL B 71 -20.46 -13.88 5.78
C VAL B 71 -21.34 -13.84 7.00
N THR B 72 -22.12 -14.91 7.20
CA THR B 72 -22.74 -15.20 8.49
C THR B 72 -22.27 -16.63 8.85
N ASN B 73 -22.99 -17.30 9.75
CA ASN B 73 -22.72 -18.71 9.97
C ASN B 73 -23.28 -19.65 8.93
N SER B 74 -24.12 -19.18 8.00
CA SER B 74 -24.77 -20.01 7.06
C SER B 74 -25.01 -19.34 5.70
N ARG B 75 -24.25 -18.28 5.38
CA ARG B 75 -24.46 -17.53 4.16
C ARG B 75 -23.17 -16.81 3.79
N VAL B 76 -22.95 -16.64 2.50
CA VAL B 76 -21.91 -15.75 1.97
C VAL B 76 -22.55 -14.86 0.92
N GLY B 77 -22.07 -13.63 0.82
CA GLY B 77 -22.58 -12.72 -0.18
C GLY B 77 -21.85 -11.40 -0.21
N PHE B 78 -22.38 -10.49 -1.02
CA PHE B 78 -21.91 -9.09 -1.05
C PHE B 78 -23.05 -8.14 -1.35
N GLU B 79 -22.92 -6.95 -0.80
CA GLU B 79 -23.74 -5.82 -1.11
C GLU B 79 -22.90 -4.74 -1.83
N LEU B 80 -23.50 -4.04 -2.78
CA LEU B 80 -22.92 -2.87 -3.41
C LEU B 80 -23.99 -1.84 -3.42
N ARG B 81 -23.70 -0.74 -2.76
CA ARG B 81 -24.63 0.35 -2.56
C ARG B 81 -23.91 1.66 -2.77
N ASN B 82 -24.62 2.62 -3.33
CA ASN B 82 -24.08 3.97 -3.45
C ASN B 82 -24.98 4.91 -2.68
N GLN B 83 -24.42 5.98 -2.14
CA GLN B 83 -25.23 7.06 -1.59
C GLN B 83 -24.75 8.44 -2.00
N LYS B 84 -25.67 9.26 -2.55
CA LYS B 84 -25.32 10.53 -3.12
C LYS B 84 -25.31 11.65 -2.07
N ASN B 85 -25.92 11.45 -0.91
CA ASN B 85 -26.03 12.50 0.11
C ASN B 85 -25.38 12.02 1.42
N GLU B 86 -24.48 12.84 1.95
CA GLU B 86 -23.67 12.53 3.15
C GLU B 86 -24.43 12.85 4.41
N GLY B 87 -23.99 12.27 5.52
CA GLY B 87 -24.52 12.61 6.84
C GLY B 87 -25.70 11.76 7.26
N ASN B 88 -26.42 12.28 8.23
CA ASN B 88 -27.47 11.54 8.90
C ASN B 88 -28.75 11.55 8.10
N THR B 89 -28.81 10.75 7.05
CA THR B 89 -29.93 10.76 6.12
C THR B 89 -29.94 9.45 5.31
N GLN B 90 -31.13 9.06 4.85
CA GLN B 90 -31.29 8.04 3.82
C GLN B 90 -31.29 8.57 2.38
N ASN B 91 -31.34 9.90 2.22
CA ASN B 91 -31.46 10.46 0.88
C ASN B 91 -30.32 10.05 -0.08
N GLY B 92 -30.68 9.92 -1.33
CA GLY B 92 -29.77 9.57 -2.40
C GLY B 92 -29.19 8.16 -2.39
N THR B 93 -29.82 7.25 -1.66
CA THR B 93 -29.33 5.87 -1.59
C THR B 93 -29.74 5.13 -2.87
N GLU B 94 -28.78 4.40 -3.45
CA GLU B 94 -29.00 3.53 -4.60
C GLU B 94 -28.55 2.16 -4.15
N ASN B 95 -29.49 1.23 -4.11
CA ASN B 95 -29.17 -0.16 -3.74
C ASN B 95 -28.84 -0.91 -4.97
N LEU B 96 -27.54 -1.14 -5.21
CA LEU B 96 -27.12 -1.58 -6.52
C LEU B 96 -27.19 -3.07 -6.72
N VAL B 97 -26.48 -3.82 -5.89
CA VAL B 97 -26.40 -5.28 -6.06
C VAL B 97 -26.41 -5.93 -4.70
N HIS B 98 -27.30 -6.91 -4.49
CA HIS B 98 -27.14 -7.80 -3.37
C HIS B 98 -27.17 -9.24 -3.87
N MET B 99 -26.02 -9.92 -3.80
CA MET B 99 -25.89 -11.28 -4.27
C MET B 99 -25.47 -12.14 -3.09
N TYR B 100 -26.23 -13.21 -2.80
CA TYR B 100 -25.90 -14.09 -1.66
C TYR B 100 -26.27 -15.53 -1.92
N LYS B 101 -25.76 -16.41 -1.06
CA LYS B 101 -26.08 -17.82 -1.13
C LYS B 101 -26.01 -18.40 0.23
N ASP B 102 -27.09 -19.05 0.64
CA ASP B 102 -27.13 -19.85 1.86
C ASP B 102 -26.34 -21.12 1.64
N VAL B 103 -25.42 -21.42 2.54
CA VAL B 103 -24.50 -22.55 2.37
C VAL B 103 -24.14 -23.13 3.70
N ALA B 104 -23.74 -24.37 3.73
CA ALA B 104 -23.15 -24.95 4.93
C ALA B 104 -21.67 -24.60 4.95
N LEU B 105 -21.27 -23.80 5.91
CA LEU B 105 -19.87 -23.43 6.09
C LEU B 105 -19.16 -24.46 6.96
N ASN B 106 -17.86 -24.58 6.77
CA ASN B 106 -17.05 -25.32 7.74
C ASN B 106 -17.11 -24.60 9.07
N ASP B 107 -17.08 -25.40 10.14
CA ASP B 107 -17.01 -24.79 11.45
C ASP B 107 -15.67 -24.07 11.65
N GLY B 108 -14.63 -24.62 11.05
CA GLY B 108 -13.32 -24.03 11.06
C GLY B 108 -13.03 -23.10 9.90
N ASP B 109 -11.86 -23.25 9.29
CA ASP B 109 -11.46 -22.40 8.18
C ASP B 109 -12.33 -22.63 6.95
N ASN B 110 -12.69 -21.52 6.31
CA ASN B 110 -13.37 -21.54 5.01
C ASN B 110 -12.60 -20.68 4.00
N THR B 111 -12.74 -21.01 2.70
CA THR B 111 -12.15 -20.19 1.66
C THR B 111 -13.25 -19.79 0.69
N VAL B 112 -13.46 -18.48 0.53
CA VAL B 112 -14.51 -17.99 -0.37
C VAL B 112 -13.86 -17.10 -1.43
N ALA B 113 -14.52 -16.95 -2.59
CA ALA B 113 -14.04 -16.02 -3.61
C ALA B 113 -15.24 -15.38 -4.28
N LEU B 114 -15.07 -14.08 -4.58
CA LEU B 114 -16.01 -13.30 -5.39
C LEU B 114 -15.27 -12.95 -6.66
N LYS B 115 -15.86 -13.30 -7.81
CA LYS B 115 -15.26 -13.06 -9.15
C LYS B 115 -16.23 -12.15 -9.86
N ILE B 116 -15.77 -10.99 -10.33
CA ILE B 116 -16.60 -10.08 -11.06
C ILE B 116 -15.96 -9.93 -12.42
N GLU B 117 -16.72 -10.23 -13.49
CA GLU B 117 -16.24 -10.09 -14.86
C GLU B 117 -17.08 -9.00 -15.53
N LYS B 118 -16.41 -7.91 -15.91
CA LYS B 118 -17.06 -6.70 -16.42
C LYS B 118 -18.07 -7.03 -17.53
N ASN B 119 -19.32 -6.63 -17.32
CA ASN B 119 -20.37 -6.83 -18.30
C ASN B 119 -20.61 -8.30 -18.69
N LYS B 120 -20.20 -9.27 -17.82
CA LYS B 120 -20.59 -10.70 -17.95
C LYS B 120 -21.38 -11.18 -16.72
N GLY B 121 -20.80 -10.96 -15.54
CA GLY B 121 -21.56 -11.24 -14.31
C GLY B 121 -20.68 -11.49 -13.10
N TYR B 122 -21.29 -12.09 -12.10
CA TYR B 122 -20.67 -12.27 -10.78
C TYR B 122 -20.81 -13.74 -10.40
N LYS B 123 -19.78 -14.26 -9.75
CA LYS B 123 -19.76 -15.66 -9.24
C LYS B 123 -19.19 -15.71 -7.82
N LEU B 124 -19.85 -16.50 -6.97
CA LEU B 124 -19.36 -16.86 -5.65
C LEU B 124 -18.89 -18.29 -5.64
N PHE B 125 -17.71 -18.48 -5.02
CA PHE B 125 -17.06 -19.77 -4.85
C PHE B 125 -16.85 -19.99 -3.36
N LEU B 126 -17.00 -21.23 -2.90
CA LEU B 126 -16.78 -21.53 -1.49
C LEU B 126 -16.30 -22.98 -1.38
N ASN B 127 -15.15 -23.16 -0.76
CA ASN B 127 -14.67 -24.49 -0.42
C ASN B 127 -14.67 -25.48 -1.61
N GLY B 128 -14.23 -25.04 -2.79
CA GLY B 128 -14.14 -25.89 -3.98
C GLY B 128 -15.36 -26.03 -4.86
N LYS B 129 -16.42 -25.23 -4.62
CA LYS B 129 -17.63 -25.24 -5.41
C LYS B 129 -17.97 -23.83 -5.88
N MET B 130 -18.51 -23.71 -7.10
CA MET B 130 -19.09 -22.45 -7.58
C MET B 130 -20.53 -22.49 -7.12
N ILE B 131 -20.85 -21.65 -6.16
CA ILE B 131 -22.10 -21.84 -5.43
C ILE B 131 -23.24 -20.96 -5.97
N LYS B 132 -22.91 -19.92 -6.74
CA LYS B 132 -23.93 -18.99 -7.18
C LYS B 132 -23.37 -18.12 -8.25
N GLU B 133 -24.10 -18.05 -9.39
CA GLU B 133 -23.75 -17.16 -10.48
C GLU B 133 -24.93 -16.25 -10.77
N VAL B 134 -24.65 -14.97 -11.02
CA VAL B 134 -25.66 -14.02 -11.44
C VAL B 134 -25.12 -13.35 -12.72
N LYS B 135 -25.73 -13.61 -13.87
CA LYS B 135 -25.24 -13.06 -15.14
C LYS B 135 -25.79 -11.68 -15.29
N ASP B 136 -25.03 -10.81 -15.93
CA ASP B 136 -25.40 -9.39 -16.02
C ASP B 136 -24.56 -8.77 -17.12
N THR B 137 -25.22 -8.26 -18.17
CA THR B 137 -24.47 -7.68 -19.26
C THR B 137 -24.03 -6.24 -18.99
N ASN B 138 -24.53 -5.65 -17.92
CA ASN B 138 -24.02 -4.38 -17.42
C ASN B 138 -23.71 -4.37 -15.90
N THR B 139 -22.46 -4.70 -15.56
CA THR B 139 -22.09 -4.90 -14.17
C THR B 139 -21.76 -3.59 -13.46
N LYS B 140 -21.89 -3.61 -12.14
CA LYS B 140 -21.40 -2.55 -11.28
C LYS B 140 -20.42 -3.10 -10.24
N PHE B 141 -19.48 -2.27 -9.81
CA PHE B 141 -18.53 -2.65 -8.80
C PHE B 141 -18.05 -1.35 -8.10
N LEU B 142 -16.85 -1.31 -7.58
CA LEU B 142 -16.41 -0.24 -6.69
C LEU B 142 -16.39 1.06 -7.40
N ASN B 143 -16.05 1.02 -8.71
CA ASN B 143 -16.07 2.24 -9.51
C ASN B 143 -17.43 3.00 -9.42
N ASN B 144 -18.51 2.29 -9.16
CA ASN B 144 -19.83 2.92 -9.12
C ASN B 144 -20.23 3.60 -7.79
N ILE B 145 -19.41 3.46 -6.72
CA ILE B 145 -19.69 4.13 -5.47
C ILE B 145 -18.96 5.45 -5.50
N GLU B 146 -19.65 6.49 -5.09
CA GLU B 146 -19.10 7.84 -5.10
C GLU B 146 -18.33 8.14 -3.83
N ASN B 147 -17.20 8.84 -3.97
CA ASN B 147 -16.41 9.38 -2.85
C ASN B 147 -15.99 8.35 -1.81
N LEU B 148 -15.56 7.19 -2.28
CA LEU B 148 -14.97 6.22 -1.41
C LEU B 148 -13.80 6.84 -0.64
N ASP B 149 -13.72 6.54 0.64
CA ASP B 149 -12.62 7.05 1.46
C ASP B 149 -12.05 6.06 2.45
N SER B 150 -12.53 4.82 2.48
CA SER B 150 -12.15 3.87 3.56
C SER B 150 -12.05 2.48 3.03
N ALA B 151 -11.10 1.70 3.53
CA ALA B 151 -11.09 0.29 3.20
C ALA B 151 -10.60 -0.47 4.42
N PHE B 152 -11.40 -1.44 4.85
CA PHE B 152 -11.13 -2.25 6.02
C PHE B 152 -11.25 -3.74 5.74
N ILE B 153 -10.38 -4.50 6.40
CA ILE B 153 -10.59 -5.94 6.53
C ILE B 153 -11.30 -6.12 7.86
N GLY B 154 -12.50 -6.69 7.82
CA GLY B 154 -13.20 -7.05 9.06
C GLY B 154 -14.28 -6.10 9.51
N LYS B 155 -14.54 -5.05 8.72
CA LYS B 155 -15.71 -4.22 8.94
C LYS B 155 -15.98 -3.40 7.69
N THR B 156 -17.08 -2.67 7.73
CA THR B 156 -17.42 -1.64 6.74
C THR B 156 -17.59 -0.33 7.50
N ASN B 157 -16.74 0.66 7.18
CA ASN B 157 -16.74 1.95 7.88
C ASN B 157 -17.87 2.81 7.33
N ARG B 158 -18.91 3.09 8.13
CA ARG B 158 -20.09 3.77 7.66
C ARG B 158 -20.33 4.99 8.55
N TYR B 159 -21.24 5.87 8.12
CA TYR B 159 -21.53 7.09 8.87
C TYR B 159 -22.23 6.77 10.19
N GLY B 160 -21.84 7.48 11.26
CA GLY B 160 -22.59 7.46 12.51
C GLY B 160 -22.76 6.10 13.11
N GLN B 161 -23.99 5.76 13.50
CA GLN B 161 -24.26 4.53 14.24
C GLN B 161 -24.71 3.36 13.35
N SER B 162 -24.51 3.47 12.05
CA SER B 162 -24.81 2.39 11.12
C SER B 162 -24.08 1.10 11.54
N ASN B 163 -24.66 -0.02 11.22
CA ASN B 163 -24.06 -1.31 11.44
C ASN B 163 -22.79 -1.51 10.61
N GLU B 164 -21.65 -1.57 11.29
CA GLU B 164 -20.36 -1.75 10.58
C GLU B 164 -19.99 -3.24 10.31
N TYR B 165 -20.86 -4.16 10.72
CA TYR B 165 -20.72 -5.60 10.41
C TYR B 165 -19.37 -6.16 10.88
N ASN B 166 -18.97 -5.79 12.09
CA ASN B 166 -17.66 -6.21 12.60
C ASN B 166 -17.47 -7.73 12.63
N PHE B 167 -16.39 -8.19 11.99
CA PHE B 167 -16.06 -9.59 11.92
C PHE B 167 -15.39 -10.00 13.22
N LYS B 168 -15.77 -11.15 13.74
CA LYS B 168 -15.02 -11.71 14.88
C LYS B 168 -14.44 -13.06 14.53
N GLY B 169 -13.12 -13.20 14.66
CA GLY B 169 -12.41 -14.45 14.34
C GLY B 169 -11.03 -14.16 13.75
N ASN B 170 -10.63 -14.93 12.73
CA ASN B 170 -9.36 -14.60 12.07
C ASN B 170 -9.53 -14.71 10.58
N ILE B 171 -8.72 -13.94 9.86
CA ILE B 171 -8.67 -14.05 8.40
C ILE B 171 -7.22 -14.41 8.09
N GLY B 172 -7.01 -15.66 7.65
CA GLY B 172 -5.69 -16.18 7.32
C GLY B 172 -5.05 -15.45 6.17
N PHE B 173 -5.85 -15.12 5.16
CA PHE B 173 -5.32 -14.40 4.00
C PHE B 173 -6.46 -13.72 3.22
N MET B 174 -6.11 -12.64 2.54
CA MET B 174 -7.00 -12.00 1.59
C MET B 174 -6.15 -11.58 0.42
N ASN B 175 -6.50 -12.05 -0.77
CA ASN B 175 -5.88 -11.60 -2.03
C ASN B 175 -6.94 -10.91 -2.92
N ILE B 176 -6.57 -9.76 -3.41
CA ILE B 176 -7.41 -8.97 -4.31
C ILE B 176 -6.68 -8.88 -5.64
N TYR B 177 -7.42 -9.11 -6.73
CA TYR B 177 -6.88 -9.13 -8.06
C TYR B 177 -7.66 -8.15 -8.88
N ASN B 178 -6.97 -7.53 -9.85
CA ASN B 178 -7.59 -6.56 -10.74
C ASN B 178 -8.43 -7.17 -11.87
N GLU B 179 -8.31 -8.46 -12.09
CA GLU B 179 -9.10 -9.14 -13.12
C GLU B 179 -9.88 -10.29 -12.54
N PRO B 180 -10.94 -10.73 -13.24
CA PRO B 180 -11.58 -12.00 -12.90
C PRO B 180 -10.64 -13.14 -13.14
N LEU B 181 -10.41 -13.96 -12.15
CA LEU B 181 -9.56 -15.12 -12.34
C LEU B 181 -10.38 -16.27 -12.93
N GLY B 182 -9.67 -17.23 -13.48
CA GLY B 182 -10.31 -18.47 -14.03
C GLY B 182 -11.08 -19.28 -12.98
N ASP B 183 -12.23 -19.82 -13.38
CA ASP B 183 -13.01 -20.71 -12.53
C ASP B 183 -12.18 -21.88 -12.02
N ASP B 184 -11.34 -22.47 -12.87
CA ASP B 184 -10.53 -23.61 -12.40
C ASP B 184 -9.57 -23.25 -11.28
N TYR B 185 -8.91 -22.09 -11.40
CA TYR B 185 -8.06 -21.61 -10.33
C TYR B 185 -8.86 -21.45 -9.03
N LEU B 186 -10.00 -20.77 -9.11
CA LEU B 186 -10.81 -20.49 -7.93
C LEU B 186 -11.44 -21.72 -7.30
N LEU B 187 -11.81 -22.72 -8.12
CA LEU B 187 -12.21 -24.03 -7.63
C LEU B 187 -11.09 -24.72 -6.86
N SER B 188 -9.89 -24.79 -7.42
CA SER B 188 -8.74 -25.35 -6.70
C SER B 188 -8.34 -24.60 -5.44
N LYS B 189 -8.20 -23.28 -5.52
CA LYS B 189 -7.81 -22.45 -4.38
C LYS B 189 -8.80 -22.48 -3.23
N THR B 190 -10.08 -22.26 -3.49
CA THR B 190 -11.08 -22.34 -2.43
C THR B 190 -11.23 -23.77 -1.94
N GLY B 191 -10.90 -24.73 -2.83
CA GLY B 191 -10.94 -26.14 -2.49
C GLY B 191 -9.89 -26.59 -1.48
N GLU B 192 -8.95 -25.74 -1.12
CA GLU B 192 -7.99 -26.05 -0.08
C GLU B 192 -8.69 -26.38 1.24
N THR B 193 -9.92 -25.87 1.43
CA THR B 193 -10.72 -26.15 2.63
C THR B 193 -12.05 -26.85 2.26
N LYS B 194 -12.01 -27.75 1.27
CA LYS B 194 -13.23 -28.49 0.87
C LYS B 194 -13.86 -29.33 2.01
N TRP C 3 26.49 -19.54 -6.59
CA TRP C 3 27.85 -18.97 -6.81
C TRP C 3 28.00 -17.75 -5.94
N GLU C 4 29.07 -17.62 -5.18
CA GLU C 4 29.43 -16.37 -4.53
C GLU C 4 29.62 -15.21 -5.49
N LEU C 5 30.28 -15.48 -6.63
CA LEU C 5 30.46 -14.51 -7.71
C LEU C 5 30.18 -15.21 -9.06
N LEU C 6 29.22 -14.69 -9.81
CA LEU C 6 28.79 -15.24 -11.07
C LEU C 6 28.78 -14.10 -12.08
N SER C 7 29.56 -14.22 -13.15
CA SER C 7 29.56 -13.19 -14.19
C SER C 7 28.17 -13.17 -14.88
N SER C 8 27.79 -11.97 -15.29
CA SER C 8 26.60 -11.75 -16.11
C SER C 8 26.75 -12.50 -17.42
N LEU C 9 25.65 -13.13 -17.82
CA LEU C 9 25.45 -13.67 -19.16
C LEU C 9 25.38 -12.55 -20.22
N GLY C 10 24.63 -11.50 -19.89
CA GLY C 10 24.52 -10.34 -20.75
C GLY C 10 24.83 -9.07 -19.96
N GLU C 11 25.65 -8.20 -20.55
CA GLU C 11 26.10 -6.96 -19.93
C GLU C 11 25.93 -5.85 -20.96
N TYR C 12 24.95 -5.00 -20.76
CA TYR C 12 24.70 -3.89 -21.65
C TYR C 12 24.77 -2.57 -20.86
N LYS C 13 25.27 -1.52 -21.51
CA LYS C 13 25.52 -0.25 -20.82
C LYS C 13 25.14 0.95 -21.71
N ASP C 14 24.67 2.02 -21.09
CA ASP C 14 24.51 3.35 -21.71
C ASP C 14 23.69 3.29 -22.98
N ILE C 15 22.43 2.88 -22.83
CA ILE C 15 21.57 2.70 -23.98
C ILE C 15 20.68 3.94 -24.05
N ASN C 16 20.99 4.83 -25.00
CA ASN C 16 20.24 6.05 -25.20
C ASN C 16 18.97 5.78 -25.98
N LEU C 17 17.83 6.02 -25.35
CA LEU C 17 16.55 5.76 -25.98
C LEU C 17 15.73 7.02 -26.04
N GLU C 18 16.39 8.18 -26.16
CA GLU C 18 15.67 9.43 -26.15
C GLU C 18 14.79 9.60 -27.40
N SER C 19 15.12 8.94 -28.51
CA SER C 19 14.26 8.91 -29.70
C SER C 19 13.35 7.66 -29.79
N SER C 20 13.23 6.90 -28.71
CA SER C 20 12.42 5.67 -28.68
C SER C 20 12.76 4.66 -29.78
N ASN C 21 14.03 4.64 -30.23
CA ASN C 21 14.53 3.73 -31.25
C ASN C 21 15.22 2.62 -30.46
N ALA C 22 14.52 1.53 -30.25
CA ALA C 22 15.00 0.46 -29.36
C ALA C 22 16.33 -0.11 -29.84
N SER C 23 17.05 -0.82 -28.97
CA SER C 23 18.33 -1.37 -29.33
C SER C 23 18.18 -2.88 -29.53
N ASN C 24 18.46 -3.33 -30.76
CA ASN C 24 18.37 -4.73 -31.15
C ASN C 24 19.51 -5.60 -30.57
N ILE C 25 19.20 -6.53 -29.70
CA ILE C 25 20.23 -7.40 -29.12
C ILE C 25 19.93 -8.83 -29.54
N THR C 26 19.29 -8.99 -30.70
CA THR C 26 18.89 -10.34 -31.17
C THR C 26 20.08 -11.26 -31.42
N TYR C 27 21.23 -10.65 -31.73
CA TYR C 27 22.53 -11.35 -31.78
C TYR C 27 22.84 -12.17 -30.54
N ASP C 28 22.30 -11.79 -29.38
CA ASP C 28 22.43 -12.54 -28.12
C ASP C 28 21.26 -13.45 -27.73
N LEU C 29 20.28 -13.64 -28.62
CA LEU C 29 19.07 -14.40 -28.27
C LEU C 29 19.30 -15.82 -27.81
N GLU C 30 20.29 -16.48 -28.40
CA GLU C 30 20.61 -17.87 -28.03
C GLU C 30 21.00 -17.99 -26.56
N LYS C 31 21.49 -16.89 -25.96
CA LYS C 31 21.82 -16.87 -24.55
C LYS C 31 20.56 -17.02 -23.69
N TYR C 32 19.42 -16.49 -24.18
CA TYR C 32 18.26 -16.28 -23.33
C TYR C 32 17.08 -17.21 -23.65
N LYS C 33 17.02 -17.70 -24.89
CA LYS C 33 15.80 -18.36 -25.43
C LYS C 33 15.32 -19.54 -24.55
N ASN C 34 16.28 -20.31 -24.04
CA ASN C 34 15.95 -21.51 -23.26
C ASN C 34 16.01 -21.34 -21.75
N LEU C 35 16.12 -20.12 -21.23
CA LEU C 35 16.20 -19.98 -19.78
C LEU C 35 14.87 -20.36 -19.11
N ASP C 36 15.00 -21.13 -18.02
CA ASP C 36 13.86 -21.40 -17.12
C ASP C 36 13.91 -20.68 -15.77
N GLU C 37 15.00 -19.95 -15.59
CA GLU C 37 15.23 -19.06 -14.46
C GLU C 37 16.37 -18.06 -14.77
N GLY C 38 16.61 -17.14 -13.86
CA GLY C 38 17.62 -16.10 -14.07
C GLY C 38 17.32 -14.84 -13.30
N THR C 39 18.10 -13.81 -13.60
CA THR C 39 18.01 -12.51 -12.94
C THR C 39 18.25 -11.44 -14.01
N ILE C 40 17.46 -10.38 -13.97
CA ILE C 40 17.62 -9.23 -14.88
C ILE C 40 17.65 -8.02 -13.99
N VAL C 41 18.72 -7.20 -14.09
CA VAL C 41 18.89 -5.99 -13.29
C VAL C 41 19.04 -4.82 -14.26
N VAL C 42 18.22 -3.78 -14.09
CA VAL C 42 18.19 -2.65 -14.99
C VAL C 42 18.14 -1.33 -14.19
N ARG C 43 18.99 -0.40 -14.61
CA ARG C 43 18.97 0.97 -14.16
C ARG C 43 18.44 1.79 -15.34
N PHE C 44 17.32 2.46 -15.09
CA PHE C 44 16.55 3.15 -16.10
C PHE C 44 16.06 4.52 -15.63
N ASN C 45 15.73 5.36 -16.60
CA ASN C 45 15.13 6.67 -16.34
C ASN C 45 14.20 7.01 -17.51
N SER C 46 12.89 6.93 -17.30
CA SER C 46 11.91 7.17 -18.37
C SER C 46 11.37 8.60 -18.31
N ASP C 48 8.26 9.19 -19.73
CA ASP C 48 6.88 8.88 -20.17
C ASP C 48 6.13 7.96 -19.18
N SER C 49 4.81 7.97 -19.29
CA SER C 49 3.97 7.25 -18.35
C SER C 49 3.34 5.95 -18.88
N LYS C 50 3.41 5.69 -20.17
CA LYS C 50 2.84 4.46 -20.70
C LYS C 50 3.65 3.21 -20.37
N ILE C 51 3.06 2.04 -20.61
CA ILE C 51 3.79 0.78 -20.53
C ILE C 51 4.96 0.85 -21.53
N GLN C 52 6.15 0.64 -20.97
CA GLN C 52 7.41 0.68 -21.68
C GLN C 52 8.32 -0.50 -21.34
N SER C 53 8.75 -1.23 -22.37
CA SER C 53 9.63 -2.38 -22.19
C SER C 53 11.06 -1.98 -21.87
N LEU C 54 11.56 -2.44 -20.74
CA LEU C 54 13.02 -2.47 -20.52
C LEU C 54 13.69 -3.55 -21.41
N LEU C 55 13.07 -4.71 -21.41
CA LEU C 55 13.55 -5.85 -22.16
C LEU C 55 12.37 -6.60 -22.74
N GLY C 56 12.43 -6.80 -24.06
CA GLY C 56 11.45 -7.54 -24.81
C GLY C 56 12.07 -8.68 -25.60
N ILE C 57 11.65 -9.90 -25.29
CA ILE C 57 12.13 -11.11 -25.93
C ILE C 57 10.91 -11.81 -26.50
N SER C 58 10.89 -12.03 -27.82
CA SER C 58 9.65 -12.39 -28.46
C SER C 58 9.81 -13.24 -29.71
N ASN C 59 8.68 -13.88 -30.04
CA ASN C 59 8.47 -14.42 -31.39
C ASN C 59 7.73 -13.37 -32.21
N SER C 60 8.50 -12.62 -33.01
CA SER C 60 7.98 -11.49 -33.82
C SER C 60 6.94 -11.86 -34.86
N LYS C 61 6.81 -13.16 -35.16
CA LYS C 61 5.84 -13.63 -36.11
C LYS C 61 4.45 -13.79 -35.49
N THR C 62 4.35 -13.58 -34.17
CA THR C 62 3.07 -13.65 -33.46
C THR C 62 2.78 -12.30 -32.78
N LYS C 63 1.53 -12.11 -32.41
CA LYS C 63 1.13 -10.92 -31.65
C LYS C 63 1.43 -11.09 -30.16
N ASN C 64 1.31 -12.32 -29.66
CA ASN C 64 1.26 -12.55 -28.20
C ASN C 64 2.31 -13.53 -27.71
N GLY C 65 3.36 -13.77 -28.48
CA GLY C 65 4.43 -14.66 -28.03
C GLY C 65 5.60 -13.82 -27.56
N TYR C 66 5.63 -13.46 -26.29
CA TYR C 66 6.68 -12.57 -25.76
C TYR C 66 6.81 -12.54 -24.24
N PHE C 67 7.98 -12.12 -23.81
CA PHE C 67 8.30 -11.70 -22.47
C PHE C 67 8.57 -10.22 -22.53
N ASN C 68 7.90 -9.47 -21.66
CA ASN C 68 8.04 -8.02 -21.61
C ASN C 68 8.25 -7.59 -20.18
N PHE C 69 9.48 -7.22 -19.83
CA PHE C 69 9.83 -6.63 -18.53
C PHE C 69 9.68 -5.13 -18.65
N TYR C 70 8.64 -4.57 -18.01
CA TYR C 70 8.20 -3.23 -18.28
C TYR C 70 8.07 -2.33 -17.08
N VAL C 71 8.00 -1.04 -17.36
CA VAL C 71 7.70 0.01 -16.37
C VAL C 71 6.63 0.97 -16.93
N THR C 72 5.97 1.68 -16.03
CA THR C 72 5.18 2.88 -16.34
C THR C 72 5.74 3.98 -15.41
N ASN C 73 5.04 5.09 -15.26
CA ASN C 73 5.45 6.06 -14.23
C ASN C 73 5.16 5.64 -12.79
N SER C 74 4.37 4.57 -12.58
CA SER C 74 3.94 4.20 -11.24
C SER C 74 3.83 2.70 -10.98
N ARG C 75 4.49 1.91 -11.82
CA ARG C 75 4.38 0.43 -11.76
C ARG C 75 5.58 -0.22 -12.41
N VAL C 76 5.97 -1.39 -11.91
CA VAL C 76 6.94 -2.21 -12.61
C VAL C 76 6.33 -3.60 -12.66
N GLY C 77 6.68 -4.35 -13.69
CA GLY C 77 6.16 -5.72 -13.82
C GLY C 77 6.73 -6.46 -15.02
N PHE C 78 6.23 -7.68 -15.21
CA PHE C 78 6.50 -8.39 -16.47
C PHE C 78 5.29 -9.19 -16.91
N GLU C 79 5.27 -9.47 -18.21
CA GLU C 79 4.36 -10.38 -18.79
C GLU C 79 5.12 -11.48 -19.48
N LEU C 80 4.54 -12.65 -19.45
CA LEU C 80 5.08 -13.86 -20.13
C LEU C 80 3.92 -14.45 -20.85
N ARG C 81 4.02 -14.54 -22.16
CA ARG C 81 2.92 -15.00 -22.98
C ARG C 81 3.44 -15.88 -24.11
N ASN C 82 2.67 -16.89 -24.49
CA ASN C 82 3.01 -17.72 -25.66
C ASN C 82 1.87 -17.63 -26.66
N GLN C 83 2.20 -17.81 -27.93
CA GLN C 83 1.16 -17.91 -28.95
C GLN C 83 1.58 -18.95 -29.99
N LYS C 84 0.65 -19.87 -30.25
CA LYS C 84 0.89 -21.06 -31.05
C LYS C 84 0.54 -20.84 -32.53
N ASN C 85 -0.20 -19.78 -32.86
CA ASN C 85 -0.50 -19.39 -34.25
C ASN C 85 0.05 -18.04 -34.59
N GLU C 86 0.70 -18.00 -35.75
CA GLU C 86 1.34 -16.81 -36.25
C GLU C 86 0.36 -15.93 -37.03
N GLY C 87 0.76 -14.68 -37.21
CA GLY C 87 0.12 -13.73 -38.09
C GLY C 87 -1.03 -12.99 -37.47
N ASN C 88 -1.95 -12.54 -38.34
CA ASN C 88 -2.97 -11.61 -37.87
C ASN C 88 -4.09 -12.27 -37.12
N THR C 89 -3.82 -12.76 -35.91
CA THR C 89 -4.80 -13.53 -35.16
C THR C 89 -4.46 -13.51 -33.68
N GLN C 90 -5.49 -13.67 -32.86
CA GLN C 90 -5.37 -13.94 -31.43
C GLN C 90 -5.35 -15.44 -31.07
N ASN C 91 -5.57 -16.31 -32.04
CA ASN C 91 -5.65 -17.71 -31.76
C ASN C 91 -4.36 -18.32 -31.22
N GLY C 92 -4.52 -19.36 -30.41
CA GLY C 92 -3.42 -20.07 -29.80
C GLY C 92 -2.69 -19.32 -28.72
N THR C 93 -3.29 -18.27 -28.18
CA THR C 93 -2.64 -17.45 -27.16
C THR C 93 -2.71 -18.11 -25.80
N GLU C 94 -1.59 -18.19 -25.08
CA GLU C 94 -1.59 -18.65 -23.69
C GLU C 94 -1.04 -17.48 -22.87
N ASN C 95 -1.86 -16.98 -21.96
CA ASN C 95 -1.44 -15.93 -21.05
C ASN C 95 -0.88 -16.55 -19.81
N LEU C 96 0.45 -16.66 -19.76
CA LEU C 96 1.10 -17.46 -18.71
C LEU C 96 1.27 -16.75 -17.38
N VAL C 97 1.93 -15.61 -17.40
CA VAL C 97 2.23 -14.84 -16.16
C VAL C 97 2.14 -13.35 -16.40
N HIS C 98 1.45 -12.68 -15.51
CA HIS C 98 1.59 -11.24 -15.37
C HIS C 98 1.75 -10.92 -13.88
N MET C 99 2.93 -10.40 -13.54
CA MET C 99 3.29 -9.99 -12.21
C MET C 99 3.65 -8.52 -12.23
N TYR C 100 3.11 -7.75 -11.34
CA TYR C 100 3.39 -6.30 -11.35
C TYR C 100 3.26 -5.78 -9.90
N LYS C 101 3.79 -4.58 -9.67
CA LYS C 101 3.65 -3.90 -8.39
C LYS C 101 3.54 -2.42 -8.67
N ASP C 102 2.46 -1.83 -8.14
CA ASP C 102 2.30 -0.37 -8.10
C ASP C 102 3.27 0.15 -7.06
N VAL C 103 4.09 1.12 -7.45
CA VAL C 103 5.21 1.63 -6.64
C VAL C 103 5.44 3.08 -6.97
N ALA C 104 5.97 3.83 -6.03
CA ALA C 104 6.41 5.17 -6.27
C ALA C 104 7.85 5.09 -6.84
N LEU C 105 8.02 5.49 -8.07
CA LEU C 105 9.30 5.51 -8.70
C LEU C 105 9.99 6.86 -8.47
N ASN C 106 11.32 6.87 -8.43
CA ASN C 106 12.05 8.15 -8.47
C ASN C 106 11.76 8.85 -9.77
N ASP C 107 11.70 10.17 -9.76
CA ASP C 107 11.61 10.90 -11.02
C ASP C 107 12.80 10.69 -11.94
N GLY C 108 13.98 10.51 -11.38
CA GLY C 108 15.17 10.29 -12.16
C GLY C 108 15.45 8.80 -12.29
N ASP C 109 16.69 8.47 -12.08
CA ASP C 109 17.14 7.07 -12.14
C ASP C 109 16.47 6.14 -11.11
N ASN C 110 16.04 4.98 -11.61
CA ASN C 110 15.59 3.89 -10.81
C ASN C 110 16.40 2.63 -11.15
N THR C 111 16.47 1.72 -10.19
CA THR C 111 17.04 0.40 -10.43
C THR C 111 16.07 -0.70 -10.01
N VAL C 112 15.79 -1.61 -10.94
CA VAL C 112 14.85 -2.68 -10.74
C VAL C 112 15.56 -4.02 -11.00
N ALA C 113 15.07 -5.08 -10.39
CA ALA C 113 15.48 -6.45 -10.74
C ALA C 113 14.31 -7.38 -10.71
N LEU C 114 14.33 -8.38 -11.61
CA LEU C 114 13.42 -9.49 -11.63
C LEU C 114 14.28 -10.72 -11.39
N LYS C 115 13.91 -11.47 -10.35
CA LYS C 115 14.54 -12.73 -9.99
C LYS C 115 13.55 -13.85 -10.22
N ILE C 116 13.96 -14.85 -10.97
CA ILE C 116 13.18 -16.05 -11.17
C ILE C 116 13.98 -17.25 -10.69
N GLU C 117 13.36 -18.01 -9.79
CA GLU C 117 13.93 -19.22 -9.20
C GLU C 117 13.03 -20.39 -9.61
N LYS C 118 13.59 -21.29 -10.43
CA LYS C 118 12.85 -22.40 -11.01
C LYS C 118 12.06 -23.19 -9.98
N ASN C 119 10.75 -23.26 -10.19
CA ASN C 119 9.82 -23.91 -9.26
C ASN C 119 9.87 -23.42 -7.81
N LYS C 120 10.29 -22.19 -7.59
CA LYS C 120 10.17 -21.55 -6.27
C LYS C 120 9.32 -20.31 -6.43
N GLY C 121 9.70 -19.44 -7.35
CA GLY C 121 8.87 -18.29 -7.72
C GLY C 121 9.63 -17.13 -8.30
N TYR C 122 8.97 -15.98 -8.24
CA TYR C 122 9.43 -14.73 -8.79
C TYR C 122 9.51 -13.61 -7.72
N LYS C 123 10.50 -12.75 -7.84
CA LYS C 123 10.65 -11.60 -7.00
C LYS C 123 10.99 -10.36 -7.82
N LEU C 124 10.33 -9.25 -7.50
CA LEU C 124 10.67 -7.93 -8.02
C LEU C 124 11.29 -7.05 -6.91
N PHE C 125 12.39 -6.38 -7.27
CA PHE C 125 13.13 -5.49 -6.41
C PHE C 125 13.15 -4.13 -7.05
N LEU C 126 13.06 -3.06 -6.24
CA LEU C 126 13.15 -1.72 -6.74
C LEU C 126 13.79 -0.85 -5.72
N ASN C 127 14.87 -0.16 -6.10
CA ASN C 127 15.50 0.85 -5.30
C ASN C 127 15.77 0.41 -3.88
N GLY C 128 16.27 -0.81 -3.75
CA GLY C 128 16.66 -1.33 -2.48
C GLY C 128 15.64 -2.06 -1.62
N LYS C 129 14.45 -2.32 -2.15
CA LYS C 129 13.45 -3.11 -1.47
C LYS C 129 12.96 -4.22 -2.37
N MET C 130 12.59 -5.31 -1.73
CA MET C 130 11.95 -6.41 -2.40
C MET C 130 10.47 -6.08 -2.39
N ILE C 131 9.93 -5.72 -3.55
CA ILE C 131 8.62 -5.07 -3.59
C ILE C 131 7.47 -6.04 -3.79
N LYS C 132 7.71 -7.24 -4.33
CA LYS C 132 6.63 -8.19 -4.59
C LYS C 132 7.25 -9.56 -4.86
N GLU C 133 6.70 -10.57 -4.19
CA GLU C 133 7.10 -11.93 -4.35
C GLU C 133 5.88 -12.72 -4.75
N VAL C 134 6.01 -13.62 -5.72
CA VAL C 134 4.93 -14.58 -6.02
C VAL C 134 5.53 -15.98 -5.94
N LYS C 135 5.01 -16.80 -5.03
CA LYS C 135 5.47 -18.19 -4.87
C LYS C 135 4.78 -19.06 -5.88
N ASP C 136 5.55 -19.95 -6.48
CA ASP C 136 5.04 -20.79 -7.57
C ASP C 136 5.95 -22.00 -7.73
N THR C 137 5.41 -23.19 -7.48
CA THR C 137 6.21 -24.40 -7.53
C THR C 137 6.24 -25.02 -8.93
N ASN C 138 5.57 -24.41 -9.92
CA ASN C 138 5.69 -24.76 -11.33
C ASN C 138 5.87 -23.49 -12.19
N THR C 139 7.08 -22.96 -12.18
CA THR C 139 7.34 -21.62 -12.75
C THR C 139 7.33 -21.69 -14.26
N LYS C 140 7.16 -20.54 -14.90
CA LYS C 140 7.28 -20.43 -16.36
C LYS C 140 8.24 -19.30 -16.67
N PHE C 141 8.97 -19.42 -17.78
CA PHE C 141 9.89 -18.34 -18.19
C PHE C 141 10.15 -18.49 -19.68
N LEU C 142 11.31 -18.05 -20.19
CA LEU C 142 11.52 -17.90 -21.63
C LEU C 142 11.42 -19.23 -22.41
N ASN C 143 11.81 -20.33 -21.76
CA ASN C 143 11.65 -21.65 -22.39
C ASN C 143 10.17 -22.07 -22.63
N ASN C 144 9.23 -21.31 -22.07
CA ASN C 144 7.81 -21.58 -22.31
C ASN C 144 7.18 -20.76 -23.45
N ILE C 145 7.97 -19.94 -24.14
CA ILE C 145 7.55 -19.26 -25.36
C ILE C 145 8.21 -20.00 -26.52
N GLU C 146 7.39 -20.42 -27.49
CA GLU C 146 7.87 -21.19 -28.63
C GLU C 146 8.37 -20.26 -29.72
N ASN C 147 9.47 -20.66 -30.35
CA ASN C 147 9.97 -19.98 -31.56
C ASN C 147 10.33 -18.51 -31.39
N LEU C 148 10.99 -18.19 -30.28
CA LEU C 148 11.53 -16.86 -30.06
C LEU C 148 12.51 -16.49 -31.15
N ASP C 149 12.45 -15.25 -31.62
CA ASP C 149 13.31 -14.77 -32.68
C ASP C 149 13.87 -13.35 -32.54
N SER C 150 13.56 -12.66 -31.44
CA SER C 150 13.91 -11.27 -31.25
C SER C 150 14.17 -10.98 -29.80
N ALA C 151 15.18 -10.17 -29.56
CA ALA C 151 15.46 -9.61 -28.25
C ALA C 151 15.81 -8.15 -28.45
N PHE C 152 15.07 -7.26 -27.80
CA PHE C 152 15.38 -5.82 -27.82
C PHE C 152 15.46 -5.26 -26.40
N ILE C 153 16.34 -4.27 -26.24
CA ILE C 153 16.29 -3.37 -25.13
C ILE C 153 15.42 -2.18 -25.54
N GLY C 154 14.31 -2.02 -24.85
CA GLY C 154 13.53 -0.83 -25.02
C GLY C 154 12.29 -0.98 -25.90
N LYS C 155 12.00 -2.18 -26.35
CA LYS C 155 10.70 -2.48 -26.95
C LYS C 155 10.50 -3.98 -26.98
N THR C 156 9.30 -4.40 -27.34
CA THR C 156 8.99 -5.81 -27.58
C THR C 156 8.59 -5.94 -29.06
N ASN C 157 9.38 -6.70 -29.81
CA ASN C 157 9.12 -6.91 -31.25
C ASN C 157 7.97 -7.88 -31.49
N ARG C 158 6.81 -7.38 -31.92
CA ARG C 158 5.60 -8.18 -32.08
C ARG C 158 5.10 -8.07 -33.53
N TYR C 159 4.13 -8.90 -33.88
CA TYR C 159 3.62 -8.96 -35.25
C TYR C 159 2.75 -7.74 -35.57
N GLY C 160 2.86 -7.26 -36.80
CA GLY C 160 1.89 -6.30 -37.35
C GLY C 160 1.82 -5.04 -36.55
N GLN C 161 0.59 -4.57 -36.31
CA GLN C 161 0.34 -3.30 -35.59
C GLN C 161 0.35 -3.40 -34.07
N SER C 162 0.80 -4.51 -33.50
CA SER C 162 0.77 -4.66 -32.05
C SER C 162 1.52 -3.56 -31.29
N ASN C 163 1.07 -3.26 -30.08
CA ASN C 163 1.80 -2.32 -29.20
C ASN C 163 3.19 -2.84 -28.80
N GLU C 164 4.25 -2.17 -29.26
CA GLU C 164 5.59 -2.63 -28.99
C GLU C 164 6.20 -2.04 -27.71
N TYR C 165 5.43 -1.26 -26.96
CA TYR C 165 5.82 -0.76 -25.63
C TYR C 165 7.16 0.01 -25.68
N ASN C 166 7.31 0.89 -26.68
CA ASN C 166 8.57 1.62 -26.87
C ASN C 166 8.93 2.50 -25.66
N PHE C 167 10.09 2.22 -25.09
CA PHE C 167 10.68 2.94 -23.97
C PHE C 167 11.25 4.27 -24.48
N LYS C 168 11.03 5.32 -23.70
CA LYS C 168 11.61 6.64 -23.97
C LYS C 168 12.36 7.08 -22.71
N GLY C 169 13.63 7.40 -22.88
CA GLY C 169 14.48 7.80 -21.77
C GLY C 169 15.83 7.19 -21.96
N ASN C 170 16.48 6.79 -20.89
CA ASN C 170 17.70 6.01 -21.07
C ASN C 170 17.86 4.89 -20.07
N ILE C 171 18.65 3.91 -20.48
CA ILE C 171 18.97 2.79 -19.67
C ILE C 171 20.49 2.83 -19.40
N GLY C 172 20.83 3.04 -18.13
CA GLY C 172 22.21 3.15 -17.67
C GLY C 172 22.90 1.80 -17.75
N PHE C 173 22.21 0.76 -17.31
CA PHE C 173 22.77 -0.57 -17.54
C PHE C 173 21.69 -1.63 -17.52
N MET C 174 22.01 -2.76 -18.15
CA MET C 174 21.20 -3.97 -18.03
C MET C 174 22.13 -5.17 -17.89
N ASN C 175 21.99 -5.87 -16.79
CA ASN C 175 22.71 -7.12 -16.55
C ASN C 175 21.78 -8.29 -16.46
N ILE C 176 22.03 -9.34 -17.25
CA ILE C 176 21.22 -10.56 -17.22
C ILE C 176 22.11 -11.72 -16.74
N TYR C 177 21.57 -12.53 -15.81
CA TYR C 177 22.29 -13.67 -15.28
C TYR C 177 21.50 -14.92 -15.52
N ASN C 178 22.20 -16.05 -15.71
CA ASN C 178 21.53 -17.29 -15.93
C ASN C 178 20.98 -17.96 -14.66
N GLU C 179 21.30 -17.42 -13.49
CA GLU C 179 20.87 -17.98 -12.20
C GLU C 179 20.16 -16.90 -11.42
N PRO C 180 19.29 -17.29 -10.47
CA PRO C 180 18.69 -16.30 -9.54
C PRO C 180 19.76 -15.81 -8.57
N LEU C 181 20.04 -14.52 -8.52
CA LEU C 181 21.01 -13.98 -7.56
C LEU C 181 20.42 -13.89 -6.15
N GLY C 182 21.28 -13.71 -5.17
CA GLY C 182 20.84 -13.64 -3.79
C GLY C 182 20.10 -12.34 -3.54
N ASP C 183 19.08 -12.42 -2.66
CA ASP C 183 18.27 -11.26 -2.25
C ASP C 183 19.15 -10.17 -1.72
N ASP C 184 20.17 -10.54 -0.96
CA ASP C 184 21.08 -9.55 -0.39
C ASP C 184 21.82 -8.77 -1.45
N TYR C 185 22.33 -9.45 -2.48
CA TYR C 185 22.98 -8.73 -3.57
C TYR C 185 21.99 -7.75 -4.24
N LEU C 186 20.79 -8.23 -4.50
CA LEU C 186 19.78 -7.48 -5.28
C LEU C 186 19.29 -6.27 -4.48
N LEU C 187 19.14 -6.41 -3.18
CA LEU C 187 18.75 -5.28 -2.32
C LEU C 187 19.85 -4.23 -2.33
N SER C 188 21.08 -4.68 -2.18
CA SER C 188 22.22 -3.79 -2.24
C SER C 188 22.42 -3.09 -3.60
N LYS C 189 22.31 -3.85 -4.69
CA LYS C 189 22.51 -3.30 -6.02
C LYS C 189 21.41 -2.32 -6.44
N THR C 190 20.16 -2.74 -6.29
CA THR C 190 19.07 -1.84 -6.60
C THR C 190 19.05 -0.65 -5.63
N GLY C 191 19.60 -0.85 -4.44
CA GLY C 191 19.66 0.20 -3.43
C GLY C 191 20.60 1.34 -3.76
N GLU C 192 21.45 1.20 -4.78
CA GLU C 192 22.23 2.35 -5.28
C GLU C 192 21.38 3.59 -5.68
N THR C 193 20.09 3.40 -5.98
CA THR C 193 19.17 4.53 -6.20
C THR C 193 17.99 4.56 -5.17
N LYS C 194 18.25 4.16 -3.92
CA LYS C 194 17.23 4.14 -2.85
C LYS C 194 16.46 5.47 -2.64
C1 GAL D . -13.41 5.17 22.20
C2 GAL D . -12.83 6.57 22.30
C3 GAL D . -11.33 6.54 22.53
C4 GAL D . -10.93 5.45 23.53
C5 GAL D . -11.65 4.12 23.42
C6 GAL D . -11.43 3.27 24.67
O1 GAL D . -14.84 5.33 22.35
O2 GAL D . -13.10 7.23 21.07
O3 GAL D . -10.93 7.87 23.00
O4 GAL D . -11.17 5.93 24.83
O5 GAL D . -13.03 4.37 23.32
O6 GAL D . -11.54 1.89 24.34
C1 SIA D . -8.56 7.37 22.56
C2 SIA D . -9.78 8.25 22.23
C3 SIA D . -9.66 9.68 22.81
C4 SIA D . -8.54 10.47 22.07
C5 SIA D . -8.80 10.48 20.57
C6 SIA D . -8.92 9.03 20.09
C7 SIA D . -9.20 8.95 18.61
C8 SIA D . -9.40 7.51 18.16
C9 SIA D . -9.07 7.48 16.69
C10 SIA D . -7.87 12.13 18.96
C11 SIA D . -6.66 12.80 18.37
N5 SIA D . -7.69 11.16 19.88
O1A SIA D . -8.11 7.39 23.74
O1B SIA D . -8.09 6.58 21.68
O4 SIA D . -8.44 11.81 22.53
O6 SIA D . -9.97 8.43 20.83
O7 SIA D . -10.37 9.71 18.30
O8 SIA D . -8.61 6.52 18.85
O9 SIA D . -9.67 6.28 16.30
O10 SIA D . -8.94 12.43 18.59
C1 GAL E . -32.62 -1.10 9.97
C2 GAL E . -32.33 -1.66 8.59
C3 GAL E . -30.94 -1.28 8.10
C4 GAL E . -30.70 0.21 8.28
C5 GAL E . -31.26 0.79 9.58
C6 GAL E . -31.34 2.29 9.52
O1 GAL E . -33.93 -1.49 10.42
O2 GAL E . -32.30 -3.06 8.73
O3 GAL E . -30.81 -1.77 6.72
O4 GAL E . -31.36 0.88 7.22
O5 GAL E . -32.58 0.31 9.81
O6 GAL E . -31.44 2.71 10.86
C1 SIA E . -28.37 -1.49 6.88
C2 SIA E . -29.54 -2.37 6.49
C3 SIA E . -29.55 -2.60 4.95
C4 SIA E . -28.44 -3.52 4.48
C5 SIA E . -28.46 -4.80 5.31
C6 SIA E . -28.43 -4.46 6.79
C7 SIA E . -28.48 -5.64 7.74
C8 SIA E . -28.59 -5.19 9.18
C9 SIA E . -28.32 -6.38 10.11
C10 SIA E . -27.47 -6.92 4.57
C11 SIA E . -26.27 -7.71 4.15
N5 SIA E . -27.34 -5.62 4.90
O1A SIA E . -28.13 -0.48 6.18
O1B SIA E . -27.71 -1.73 7.92
O4 SIA E . -28.63 -3.91 3.14
O6 SIA E . -29.55 -3.64 7.11
O7 SIA E . -29.62 -6.43 7.44
O8 SIA E . -27.71 -4.09 9.46
O9 SIA E . -28.58 -5.92 11.43
O10 SIA E . -28.56 -7.46 4.63
C1 GAL F . -6.63 -4.41 -27.08
C2 GAL F . -6.05 -5.26 -25.94
C3 GAL F . -4.59 -5.59 -26.21
C4 GAL F . -4.41 -6.06 -27.65
C5 GAL F . -5.08 -5.16 -28.69
C6 GAL F . -4.87 -5.77 -30.09
O1 GAL F . -8.02 -4.47 -26.90
O2 GAL F . -6.03 -4.50 -24.74
O3 GAL F . -4.16 -6.58 -25.22
O4 GAL F . -4.88 -7.40 -27.73
O5 GAL F . -6.47 -4.98 -28.38
O6 GAL F . -6.04 -5.68 -30.88
C1 SIA F . -1.82 -6.39 -25.85
C2 SIA F . -2.83 -6.24 -24.71
C3 SIA F . -2.62 -7.34 -23.62
C4 SIA F . -1.33 -7.17 -22.83
C5 SIA F . -1.31 -5.78 -22.23
C6 SIA F . -1.48 -4.77 -23.38
C7 SIA F . -1.52 -3.32 -22.96
C8 SIA F . -1.87 -2.35 -24.06
C9 SIA F . -1.42 -0.98 -23.55
C10 SIA F . -0.03 -5.13 -20.21
C11 SIA F . 1.30 -4.97 -19.55
N5 SIA F . -0.08 -5.55 -21.49
O1A SIA F . -1.61 -7.50 -26.36
O1B SIA F . -1.32 -5.35 -26.31
O4 SIA F . -1.27 -8.18 -21.83
O6 SIA F . -2.72 -4.99 -24.06
O7 SIA F . -2.55 -3.20 -21.97
O8 SIA F . -1.22 -2.60 -25.29
O9 SIA F . -2.03 -0.03 -24.43
O10 SIA F . -1.02 -4.90 -19.57
CA CA G . 0.96 11.54 1.06
CA CA H . -3.77 26.59 30.79
CA CA I . 1.92 -0.46 24.38
C2 1PG J . 15.04 29.25 8.01
O1 1PG J . 15.46 30.42 7.33
O2 1PG J . 17.36 28.59 7.61
C3 1PG J . 16.04 28.12 7.81
C4 1PG J . 18.19 28.51 8.75
C5 1PG J . 19.03 27.25 8.83
O3 1PG J . 19.58 27.22 10.15
C6 1PG J . 20.12 26.01 10.61
C7 1PG J . 19.93 25.99 12.11
O4 1PG J . 18.85 26.73 12.55
C8 1PG J . 18.57 26.25 13.84
C9 1PG J . 17.43 27.07 14.46
O5 1PG J . 17.91 28.28 14.89
C10 1PG J . 16.99 29.14 15.45
CA CA K . -17.70 5.00 10.86
CA CA L . -15.71 -20.87 13.14
CA CA M . -26.36 -4.62 -14.23
C2 1PG N . -3.82 -23.23 -6.04
O1 1PG N . -4.13 -23.21 -7.41
O2 1PG N . -1.65 -22.31 -6.89
C3 1PG N . -2.44 -22.68 -5.78
C4 1PG N . -0.58 -21.63 -6.28
C5 1PG N . 0.26 -20.81 -7.24
O3 1PG N . -0.50 -19.65 -7.47
C6 1PG N . 0.30 -18.58 -7.87
C7 1PG N . -0.51 -17.29 -7.89
O4 1PG N . -1.66 -17.35 -8.62
C8 1PG N . -2.43 -16.20 -8.54
C9 1PG N . -3.61 -16.36 -9.45
O5 1PG N . -3.14 -16.54 -10.73
C10 1PG N . -4.15 -16.66 -11.67
C ACT O . -3.12 -6.60 8.19
O ACT O . -3.64 -6.37 9.29
OXT ACT O . -2.26 -7.43 8.00
CH3 ACT O . -3.47 -5.84 6.97
CA CA P . 12.18 10.02 -15.32
CA CA Q . 7.37 -6.07 -35.23
#